data_7Y8G
#
_entry.id   7Y8G
#
_cell.length_a   52.631
_cell.length_b   101.862
_cell.length_c   195.790
_cell.angle_alpha   90.000
_cell.angle_beta   90.000
_cell.angle_gamma   90.000
#
_symmetry.space_group_name_H-M   'C 2 2 21'
#
loop_
_entity.id
_entity.type
_entity.pdbx_description
1 polymer 'Estrogen receptor'
2 polymer 'Grip peptide'
3 non-polymer '[4-(1,2,4-triazol-1-yl)phenyl] (1~{S},2~{R},4~{S})-5,6-bis(4-hydroxyphenyl)-7-oxabicyclo[2.2.1]hept-5-ene-2-sulfonate'
4 non-polymer DI(HYDROXYETHYL)ETHER
5 water water
#
loop_
_entity_poly.entity_id
_entity_poly.type
_entity_poly.pdbx_seq_one_letter_code
_entity_poly.pdbx_strand_id
1 'polypeptide(L)'
;AGAGAGAGAGSLALSLTADQMVSALLDAEPPILYSEYDPTRPFSEASMMGLLTNLADRELVHMINWAKRVPGFVDLTLHD
QVHLLECAWLEILMIGLVWRSMEHPGKLLFAPNLLLDRNQGKCVEGMVEIFDMLLATSSRFRMMNLQGEEFVCLKSIILL
NSGVYTFLSSTLKSLEEKDHIHRVLDKITDTLIHLMAKAGLTLQQQHQRLAQLLLILSHIRHMSNKGMEHLYSMKCKNVV
PLSDLLLEMLDAHRLHAPTS
;
A,B
2 'polypeptide(L)' AILHRLLQ C,D
#
# COMPACT_ATOMS: atom_id res chain seq x y z
N GLY A 8 9.06 18.57 15.90
CA GLY A 8 7.82 18.82 16.70
C GLY A 8 7.94 18.34 18.14
N ALA A 9 9.08 18.55 18.80
CA ALA A 9 9.26 18.29 20.26
C ALA A 9 8.30 19.20 21.04
N GLY A 10 7.66 18.68 22.09
CA GLY A 10 6.73 19.41 22.98
C GLY A 10 5.29 19.46 22.47
N SER A 11 5.02 18.94 21.26
CA SER A 11 3.74 19.12 20.52
C SER A 11 2.54 18.64 21.34
N LEU A 12 1.51 19.48 21.41
CA LEU A 12 0.12 19.18 21.84
C LEU A 12 -0.32 17.81 21.29
N ALA A 13 -0.11 17.56 19.99
CA ALA A 13 -0.64 16.35 19.31
C ALA A 13 -0.29 15.11 20.16
N LEU A 14 0.93 15.05 20.69
CA LEU A 14 1.47 13.85 21.40
C LEU A 14 0.85 13.70 22.80
N SER A 15 0.24 14.74 23.39
CA SER A 15 -0.36 14.63 24.75
C SER A 15 -1.89 14.71 24.67
N LEU A 16 -2.49 14.48 23.50
CA LEU A 16 -3.96 14.34 23.39
C LEU A 16 -4.36 12.98 23.98
N THR A 17 -5.53 12.89 24.58
CA THR A 17 -6.13 11.56 24.83
C THR A 17 -6.61 11.01 23.49
N ALA A 18 -6.89 9.71 23.45
CA ALA A 18 -7.53 9.04 22.32
C ALA A 18 -8.80 9.80 21.93
N ASP A 19 -9.63 10.15 22.91
CA ASP A 19 -10.97 10.77 22.68
C ASP A 19 -10.77 12.19 22.15
N GLN A 20 -9.77 12.91 22.63
CA GLN A 20 -9.46 14.28 22.13
C GLN A 20 -8.91 14.20 20.70
N MET A 21 -8.13 13.16 20.39
CA MET A 21 -7.56 12.98 19.04
C MET A 21 -8.74 12.84 18.06
N VAL A 22 -9.74 12.04 18.42
CA VAL A 22 -10.92 11.73 17.59
C VAL A 22 -11.78 12.98 17.45
N SER A 23 -12.05 13.67 18.55
CA SER A 23 -12.75 14.97 18.56
C SER A 23 -12.03 15.92 17.63
N ALA A 24 -10.71 16.01 17.71
CA ALA A 24 -9.94 16.92 16.85
C ALA A 24 -10.13 16.54 15.38
N LEU A 25 -10.04 15.24 15.08
CA LEU A 25 -10.15 14.71 13.69
C LEU A 25 -11.60 14.89 13.20
N LEU A 26 -12.60 14.62 14.03
CA LEU A 26 -14.01 14.85 13.63
C LEU A 26 -14.20 16.33 13.29
N ASP A 27 -13.66 17.22 14.10
CA ASP A 27 -13.91 18.67 13.91
C ASP A 27 -13.24 19.17 12.62
N ALA A 28 -12.20 18.49 12.16
CA ALA A 28 -11.40 18.88 10.97
C ALA A 28 -12.11 18.45 9.68
N GLU A 29 -13.18 17.65 9.75
CA GLU A 29 -13.73 16.94 8.57
C GLU A 29 -14.15 17.93 7.49
N PRO A 30 -13.81 17.66 6.21
CA PRO A 30 -14.27 18.51 5.12
C PRO A 30 -15.75 18.27 4.89
N PRO A 31 -16.44 19.15 4.14
CA PRO A 31 -17.85 18.94 3.83
C PRO A 31 -17.94 17.91 2.70
N ILE A 32 -19.09 17.25 2.59
CA ILE A 32 -19.43 16.38 1.44
C ILE A 32 -19.90 17.33 0.33
N LEU A 33 -19.13 17.41 -0.76
CA LEU A 33 -19.39 18.29 -1.93
C LEU A 33 -20.40 17.62 -2.86
N TYR A 34 -21.31 18.43 -3.41
CA TYR A 34 -22.14 18.05 -4.58
C TYR A 34 -21.36 18.45 -5.82
N SER A 35 -21.55 17.71 -6.91
CA SER A 35 -21.16 18.14 -8.27
C SER A 35 -21.94 19.41 -8.61
N GLU A 36 -21.24 20.46 -9.04
CA GLU A 36 -21.83 21.76 -9.47
C GLU A 36 -22.56 21.60 -10.81
N TYR A 37 -22.39 20.46 -11.49
CA TYR A 37 -23.12 20.08 -12.73
C TYR A 37 -23.73 18.69 -12.57
N ASP A 38 -24.92 18.50 -13.14
CA ASP A 38 -25.43 17.13 -13.40
C ASP A 38 -25.03 16.79 -14.83
N PRO A 39 -24.50 15.57 -15.05
CA PRO A 39 -24.15 15.16 -16.40
C PRO A 39 -25.45 15.00 -17.19
N THR A 40 -25.46 15.46 -18.45
CA THR A 40 -26.37 14.93 -19.49
C THR A 40 -26.01 13.44 -19.66
N ARG A 41 -26.85 12.65 -20.33
CA ARG A 41 -26.67 11.18 -20.40
C ARG A 41 -26.68 10.74 -21.85
N PRO A 42 -25.70 9.92 -22.31
CA PRO A 42 -24.69 9.29 -21.46
C PRO A 42 -23.47 10.18 -21.20
N PHE A 43 -22.36 9.59 -20.77
CA PHE A 43 -21.05 10.25 -20.56
C PHE A 43 -20.16 10.07 -21.78
N SER A 44 -19.39 11.10 -22.14
CA SER A 44 -18.17 10.99 -22.98
C SER A 44 -16.97 10.83 -22.04
N GLU A 45 -15.83 10.38 -22.58
CA GLU A 45 -14.52 10.49 -21.90
C GLU A 45 -14.42 11.90 -21.30
N ALA A 46 -14.66 12.94 -22.12
CA ALA A 46 -14.36 14.34 -21.78
C ALA A 46 -15.31 14.85 -20.70
N SER A 47 -16.58 14.42 -20.72
CA SER A 47 -17.62 14.89 -19.77
C SER A 47 -17.39 14.18 -18.42
N MET A 48 -17.06 12.89 -18.46
CA MET A 48 -16.74 12.09 -17.25
C MET A 48 -15.49 12.69 -16.59
N MET A 49 -14.39 12.84 -17.32
CA MET A 49 -13.12 13.39 -16.79
C MET A 49 -13.32 14.84 -16.37
N GLY A 50 -14.20 15.59 -17.04
CA GLY A 50 -14.58 16.95 -16.63
C GLY A 50 -15.23 16.98 -15.26
N LEU A 51 -16.23 16.13 -15.00
CA LEU A 51 -16.95 16.10 -13.70
C LEU A 51 -15.99 15.68 -12.59
N LEU A 52 -15.21 14.62 -12.79
CA LEU A 52 -14.34 14.10 -11.71
C LEU A 52 -13.25 15.13 -11.42
N THR A 53 -12.67 15.74 -12.46
CA THR A 53 -11.55 16.71 -12.34
C THR A 53 -12.04 17.94 -11.56
N ASN A 54 -13.24 18.40 -11.89
CA ASN A 54 -13.88 19.58 -11.29
C ASN A 54 -14.16 19.28 -9.82
N LEU A 55 -14.78 18.14 -9.55
CA LEU A 55 -15.06 17.69 -8.18
C LEU A 55 -13.75 17.54 -7.40
N ALA A 56 -12.76 16.90 -7.97
CA ALA A 56 -11.49 16.63 -7.25
C ALA A 56 -10.75 17.95 -6.97
N ASP A 57 -10.71 18.92 -7.89
CA ASP A 57 -10.09 20.25 -7.63
C ASP A 57 -10.75 20.88 -6.40
N ARG A 58 -12.08 20.85 -6.35
CA ARG A 58 -12.86 21.48 -5.24
C ARG A 58 -12.54 20.72 -3.96
N GLU A 59 -12.47 19.39 -4.01
CA GLU A 59 -12.14 18.56 -2.80
C GLU A 59 -10.75 18.92 -2.27
N LEU A 60 -9.78 19.09 -3.16
CA LEU A 60 -8.39 19.48 -2.83
C LEU A 60 -8.36 20.77 -2.00
N VAL A 61 -9.14 21.77 -2.38
CA VAL A 61 -9.14 23.04 -1.62
C VAL A 61 -9.56 22.72 -0.19
N HIS A 62 -10.62 21.95 0.02
CA HIS A 62 -11.11 21.61 1.37
C HIS A 62 -10.11 20.67 2.06
N MET A 63 -9.42 19.80 1.31
CA MET A 63 -8.44 18.86 1.92
C MET A 63 -7.26 19.64 2.52
N ILE A 64 -6.86 20.74 1.90
CA ILE A 64 -5.79 21.61 2.45
C ILE A 64 -6.24 22.19 3.81
N ASN A 65 -7.47 22.66 3.94
CA ASN A 65 -7.96 23.19 5.25
C ASN A 65 -8.00 22.07 6.29
N TRP A 66 -8.42 20.87 5.89
CA TRP A 66 -8.49 19.69 6.77
C TRP A 66 -7.10 19.35 7.30
N ALA A 67 -6.12 19.24 6.40
CA ALA A 67 -4.73 18.80 6.72
C ALA A 67 -4.20 19.65 7.88
N LYS A 68 -4.44 20.95 7.84
CA LYS A 68 -3.94 21.93 8.85
C LYS A 68 -4.50 21.62 10.23
N ARG A 69 -5.67 20.99 10.31
CA ARG A 69 -6.38 20.73 11.59
C ARG A 69 -6.14 19.29 12.03
N VAL A 70 -5.28 18.56 11.31
CA VAL A 70 -4.83 17.20 11.72
C VAL A 70 -3.73 17.39 12.74
N PRO A 71 -3.91 16.94 14.00
CA PRO A 71 -2.84 16.98 15.01
C PRO A 71 -1.49 16.48 14.47
N GLY A 72 -0.49 17.32 14.61
CA GLY A 72 0.91 16.96 14.32
C GLY A 72 1.33 17.43 12.95
N PHE A 73 0.36 17.65 12.04
CA PHE A 73 0.63 17.98 10.62
C PHE A 73 1.35 19.33 10.60
N VAL A 74 0.76 20.32 11.25
CA VAL A 74 1.21 21.73 11.25
C VAL A 74 2.46 21.89 12.14
N ASP A 75 2.90 20.85 12.84
CA ASP A 75 4.21 20.84 13.55
C ASP A 75 5.34 20.76 12.52
N LEU A 76 5.05 20.36 11.28
CA LEU A 76 6.10 20.12 10.27
C LEU A 76 6.46 21.43 9.57
N THR A 77 7.62 21.46 8.93
CA THR A 77 8.00 22.57 8.02
C THR A 77 6.95 22.62 6.91
N LEU A 78 6.73 23.80 6.39
CA LEU A 78 5.84 23.97 5.21
C LEU A 78 6.33 23.05 4.08
N HIS A 79 7.64 22.93 3.89
CA HIS A 79 8.25 21.99 2.90
C HIS A 79 7.70 20.58 3.09
N ASP A 80 7.69 20.09 4.32
CA ASP A 80 7.30 18.69 4.64
C ASP A 80 5.79 18.58 4.48
N GLN A 81 5.02 19.60 4.90
CA GLN A 81 3.55 19.58 4.74
C GLN A 81 3.20 19.44 3.26
N VAL A 82 3.92 20.15 2.40
CA VAL A 82 3.68 20.16 0.93
C VAL A 82 3.95 18.75 0.40
N HIS A 83 5.06 18.14 0.82
CA HIS A 83 5.50 16.81 0.35
C HIS A 83 4.43 15.78 0.76
N LEU A 84 3.98 15.80 2.00
CA LEU A 84 2.98 14.81 2.48
C LEU A 84 1.68 14.94 1.65
N LEU A 85 1.15 16.13 1.43
CA LEU A 85 -0.12 16.30 0.66
C LEU A 85 0.11 15.91 -0.79
N GLU A 86 1.25 16.31 -1.40
CA GLU A 86 1.59 15.94 -2.80
C GLU A 86 1.56 14.41 -2.91
N CYS A 87 2.08 13.69 -1.92
CA CYS A 87 2.16 12.20 -1.97
C CYS A 87 0.78 11.58 -1.69
N ALA A 88 -0.04 12.16 -0.82
CA ALA A 88 -1.20 11.46 -0.24
C ALA A 88 -2.53 11.87 -0.88
N TRP A 89 -2.61 12.96 -1.65
CA TRP A 89 -3.92 13.63 -1.92
C TRP A 89 -4.90 12.65 -2.57
N LEU A 90 -4.46 11.85 -3.53
CA LEU A 90 -5.39 10.96 -4.27
C LEU A 90 -5.77 9.77 -3.37
N GLU A 91 -4.87 9.28 -2.52
CA GLU A 91 -5.20 8.25 -1.50
C GLU A 91 -6.29 8.83 -0.59
N ILE A 92 -6.19 10.12 -0.27
CA ILE A 92 -7.17 10.74 0.64
C ILE A 92 -8.52 10.92 -0.07
N LEU A 93 -8.51 11.34 -1.32
CA LEU A 93 -9.78 11.43 -2.10
C LEU A 93 -10.39 10.03 -2.18
N MET A 94 -9.56 9.04 -2.46
CA MET A 94 -10.02 7.63 -2.61
C MET A 94 -10.59 7.10 -1.29
N ILE A 95 -9.94 7.31 -0.15
CA ILE A 95 -10.49 6.72 1.11
C ILE A 95 -11.82 7.44 1.37
N GLY A 96 -11.91 8.74 1.05
CA GLY A 96 -13.14 9.52 1.23
C GLY A 96 -14.26 8.93 0.39
N LEU A 97 -13.96 8.60 -0.85
CA LEU A 97 -14.95 8.03 -1.81
C LEU A 97 -15.42 6.67 -1.35
N VAL A 98 -14.51 5.79 -0.93
CA VAL A 98 -14.90 4.40 -0.56
C VAL A 98 -15.70 4.45 0.75
N TRP A 99 -15.41 5.39 1.63
CA TRP A 99 -16.18 5.60 2.90
C TRP A 99 -17.60 6.04 2.57
N ARG A 100 -17.78 7.01 1.69
CA ARG A 100 -19.13 7.57 1.50
C ARG A 100 -19.91 6.62 0.56
N SER A 101 -19.24 5.68 -0.09
CA SER A 101 -19.89 4.69 -0.98
C SER A 101 -20.31 3.42 -0.23
N MET A 102 -19.96 3.29 1.07
CA MET A 102 -20.22 2.05 1.87
C MET A 102 -21.70 1.66 1.81
N GLU A 103 -22.64 2.59 1.82
CA GLU A 103 -24.08 2.28 1.95
C GLU A 103 -24.70 2.26 0.55
N HIS A 104 -23.88 2.18 -0.49
CA HIS A 104 -24.32 2.18 -1.91
C HIS A 104 -23.66 0.99 -2.60
N PRO A 105 -24.04 -0.25 -2.22
CA PRO A 105 -23.38 -1.44 -2.77
C PRO A 105 -23.39 -1.41 -4.31
N GLY A 106 -22.29 -1.84 -4.92
CA GLY A 106 -22.04 -1.80 -6.37
C GLY A 106 -21.96 -0.38 -6.92
N LYS A 107 -21.92 0.67 -6.09
CA LYS A 107 -21.89 2.06 -6.62
C LYS A 107 -20.85 2.91 -5.93
N LEU A 108 -20.29 3.87 -6.69
CA LEU A 108 -19.38 4.90 -6.14
C LEU A 108 -20.12 6.24 -6.02
N LEU A 109 -20.28 6.70 -4.78
CA LEU A 109 -20.88 8.01 -4.43
C LEU A 109 -19.81 9.09 -4.53
N PHE A 110 -19.49 9.51 -5.74
CA PHE A 110 -18.56 10.63 -5.98
C PHE A 110 -19.13 11.87 -5.29
N ALA A 111 -20.45 12.04 -5.39
CA ALA A 111 -21.20 13.12 -4.73
C ALA A 111 -22.64 12.64 -4.59
N PRO A 112 -23.44 13.24 -3.67
CA PRO A 112 -24.84 12.84 -3.53
C PRO A 112 -25.60 12.90 -4.87
N ASN A 113 -25.18 13.77 -5.79
CA ASN A 113 -25.81 13.91 -7.12
C ASN A 113 -24.87 13.33 -8.19
N LEU A 114 -24.01 12.38 -7.83
CA LEU A 114 -23.09 11.71 -8.78
C LEU A 114 -22.70 10.33 -8.25
N LEU A 115 -23.63 9.40 -8.42
CA LEU A 115 -23.53 7.98 -8.05
C LEU A 115 -23.29 7.21 -9.35
N LEU A 116 -22.12 6.59 -9.53
CA LEU A 116 -21.79 5.81 -10.75
C LEU A 116 -21.62 4.35 -10.34
N ASP A 117 -22.14 3.44 -11.17
CA ASP A 117 -21.80 1.99 -11.12
C ASP A 117 -20.64 1.77 -12.08
N ARG A 118 -20.08 0.55 -12.10
CA ARG A 118 -18.79 0.22 -12.77
C ARG A 118 -18.92 0.42 -14.29
N ASN A 119 -20.15 0.34 -14.83
CA ASN A 119 -20.44 0.40 -16.30
C ASN A 119 -20.05 1.78 -16.84
N GLN A 120 -20.41 2.85 -16.14
CA GLN A 120 -20.18 4.26 -16.54
C GLN A 120 -18.68 4.56 -16.49
N GLY A 121 -17.89 3.64 -15.94
CA GLY A 121 -16.41 3.67 -16.00
C GLY A 121 -15.86 3.27 -17.36
N LYS A 122 -16.67 2.62 -18.21
CA LYS A 122 -16.21 1.99 -19.48
C LYS A 122 -15.88 3.06 -20.52
N CYS A 123 -16.50 4.24 -20.47
CA CYS A 123 -16.30 5.33 -21.48
C CYS A 123 -14.89 5.95 -21.33
N VAL A 124 -14.09 5.54 -20.34
CA VAL A 124 -12.71 6.06 -20.08
C VAL A 124 -11.75 4.87 -19.95
N GLU A 125 -10.64 4.90 -20.69
CA GLU A 125 -9.65 3.81 -20.76
C GLU A 125 -9.03 3.59 -19.37
N GLY A 126 -9.11 2.36 -18.84
CA GLY A 126 -8.45 1.93 -17.60
C GLY A 126 -9.28 2.23 -16.35
N MET A 127 -10.42 2.89 -16.52
CA MET A 127 -11.20 3.45 -15.39
C MET A 127 -12.05 2.34 -14.76
N VAL A 128 -12.52 1.38 -15.54
CA VAL A 128 -13.40 0.30 -14.98
C VAL A 128 -12.57 -0.51 -13.97
N GLU A 129 -11.31 -0.81 -14.27
CA GLU A 129 -10.40 -1.53 -13.36
C GLU A 129 -10.30 -0.79 -12.01
N ILE A 130 -10.18 0.53 -12.02
CA ILE A 130 -9.99 1.38 -10.80
C ILE A 130 -11.30 1.33 -10.03
N PHE A 131 -12.41 1.54 -10.74
CA PHE A 131 -13.78 1.52 -10.14
C PHE A 131 -13.98 0.20 -9.40
N ASP A 132 -13.61 -0.91 -10.03
CA ASP A 132 -13.76 -2.27 -9.43
C ASP A 132 -12.96 -2.35 -8.14
N MET A 133 -11.71 -1.86 -8.14
CA MET A 133 -10.84 -1.85 -6.91
C MET A 133 -11.44 -0.92 -5.85
N LEU A 134 -11.95 0.25 -6.23
CA LEU A 134 -12.65 1.18 -5.30
C LEU A 134 -13.90 0.48 -4.73
N LEU A 135 -14.74 -0.10 -5.60
CA LEU A 135 -15.94 -0.86 -5.15
C LEU A 135 -15.56 -1.97 -4.17
N ALA A 136 -14.51 -2.74 -4.48
CA ALA A 136 -14.02 -3.87 -3.64
C ALA A 136 -13.60 -3.33 -2.28
N THR A 137 -12.99 -2.15 -2.24
CA THR A 137 -12.52 -1.52 -0.99
C THR A 137 -13.73 -1.09 -0.16
N SER A 138 -14.70 -0.48 -0.82
CA SER A 138 -15.95 -0.02 -0.18
C SER A 138 -16.66 -1.22 0.43
N SER A 139 -16.77 -2.31 -0.34
CA SER A 139 -17.46 -3.55 0.11
C SER A 139 -16.73 -4.14 1.33
N ARG A 140 -15.39 -4.14 1.33
CA ARG A 140 -14.56 -4.61 2.48
C ARG A 140 -14.83 -3.75 3.72
N PHE A 141 -14.95 -2.43 3.57
CA PHE A 141 -15.27 -1.52 4.70
C PHE A 141 -16.67 -1.83 5.23
N ARG A 142 -17.61 -2.09 4.32
CA ARG A 142 -19.00 -2.43 4.72
C ARG A 142 -18.99 -3.76 5.49
N MET A 143 -18.32 -4.78 4.96
CA MET A 143 -18.17 -6.09 5.61
C MET A 143 -17.60 -5.91 7.01
N MET A 144 -16.54 -5.11 7.18
CA MET A 144 -15.88 -4.84 8.48
C MET A 144 -16.71 -3.91 9.37
N ASN A 145 -17.74 -3.27 8.82
CA ASN A 145 -18.54 -2.28 9.58
C ASN A 145 -17.63 -1.14 10.07
N LEU A 146 -16.72 -0.65 9.23
CA LEU A 146 -15.83 0.50 9.59
C LEU A 146 -16.69 1.62 10.18
N GLN A 147 -16.30 2.16 11.34
CA GLN A 147 -16.99 3.27 12.04
C GLN A 147 -16.34 4.60 11.66
N GLY A 148 -17.12 5.68 11.75
CA GLY A 148 -16.64 7.04 11.41
C GLY A 148 -15.37 7.43 12.14
N GLU A 149 -15.22 7.05 13.41
CA GLU A 149 -14.04 7.41 14.24
C GLU A 149 -12.81 6.69 13.71
N GLU A 150 -12.97 5.45 13.28
CA GLU A 150 -11.88 4.63 12.68
C GLU A 150 -11.48 5.29 11.35
N PHE A 151 -12.45 5.71 10.55
CA PHE A 151 -12.21 6.29 9.21
C PHE A 151 -11.31 7.53 9.35
N VAL A 152 -11.63 8.44 10.25
CA VAL A 152 -10.84 9.69 10.34
C VAL A 152 -9.42 9.37 10.82
N CYS A 153 -9.26 8.38 11.70
CA CYS A 153 -7.92 7.89 12.12
C CYS A 153 -7.17 7.40 10.89
N LEU A 154 -7.81 6.60 10.03
CA LEU A 154 -7.11 6.03 8.85
C LEU A 154 -6.71 7.14 7.87
N LYS A 155 -7.60 8.12 7.69
CA LYS A 155 -7.35 9.21 6.72
C LYS A 155 -6.13 9.98 7.18
N SER A 156 -6.01 10.19 8.49
CA SER A 156 -4.85 10.86 9.12
C SER A 156 -3.57 10.04 8.95
N ILE A 157 -3.67 8.73 9.14
CA ILE A 157 -2.52 7.81 8.93
C ILE A 157 -2.06 7.96 7.47
N ILE A 158 -3.00 7.96 6.53
CA ILE A 158 -2.60 8.11 5.10
C ILE A 158 -1.80 9.39 4.94
N LEU A 159 -2.31 10.52 5.46
CA LEU A 159 -1.63 11.80 5.27
C LEU A 159 -0.21 11.72 5.82
N LEU A 160 -0.06 11.24 7.06
CA LEU A 160 1.24 11.26 7.80
C LEU A 160 2.19 10.20 7.22
N ASN A 161 1.65 9.10 6.68
CA ASN A 161 2.47 7.92 6.29
C ASN A 161 2.89 7.97 4.82
N SER A 162 2.15 8.58 3.92
CA SER A 162 2.31 8.14 2.52
C SER A 162 3.61 8.70 1.92
N GLY A 163 4.13 9.80 2.44
CA GLY A 163 5.36 10.40 1.92
C GLY A 163 6.51 10.26 2.89
N VAL A 164 6.32 9.55 4.02
CA VAL A 164 7.30 9.43 5.15
C VAL A 164 8.69 9.00 4.65
N TYR A 165 8.79 8.07 3.69
CA TYR A 165 10.07 7.64 3.06
C TYR A 165 10.20 8.29 1.67
N GLU A 176 14.42 14.17 13.60
CA GLU A 176 13.44 14.99 14.36
C GLU A 176 12.05 14.87 13.73
N GLU A 177 11.96 15.13 12.42
CA GLU A 177 10.69 15.34 11.67
C GLU A 177 10.17 14.02 11.07
N LYS A 178 11.02 13.04 10.74
CA LYS A 178 10.59 11.64 10.42
C LYS A 178 10.24 10.93 11.74
N ASP A 179 10.97 11.21 12.83
CA ASP A 179 10.70 10.58 14.16
C ASP A 179 9.43 11.19 14.73
N HIS A 180 9.20 12.49 14.52
CA HIS A 180 7.96 13.17 14.97
C HIS A 180 6.74 12.52 14.32
N ILE A 181 6.78 12.34 13.00
CA ILE A 181 5.64 11.74 12.23
C ILE A 181 5.39 10.34 12.80
N HIS A 182 6.46 9.62 13.13
CA HIS A 182 6.40 8.27 13.73
C HIS A 182 5.73 8.32 15.10
N ARG A 183 6.00 9.33 15.91
CA ARG A 183 5.35 9.43 17.26
C ARG A 183 3.86 9.75 17.07
N VAL A 184 3.50 10.57 16.08
CA VAL A 184 2.07 10.92 15.83
C VAL A 184 1.34 9.66 15.35
N LEU A 185 1.91 8.93 14.39
CA LEU A 185 1.37 7.64 13.88
C LEU A 185 1.17 6.66 15.04
N ASP A 186 2.13 6.54 15.97
CA ASP A 186 1.94 5.69 17.18
C ASP A 186 0.72 6.16 17.99
N LYS A 187 0.56 7.47 18.16
CA LYS A 187 -0.60 8.06 18.88
C LYS A 187 -1.92 7.70 18.19
N ILE A 188 -1.93 7.71 16.86
CA ILE A 188 -3.15 7.34 16.09
C ILE A 188 -3.37 5.83 16.23
N THR A 189 -2.33 5.01 16.26
CA THR A 189 -2.51 3.56 16.53
C THR A 189 -3.18 3.38 17.89
N ASP A 190 -2.64 3.99 18.94
CA ASP A 190 -3.20 3.95 20.31
C ASP A 190 -4.68 4.32 20.26
N THR A 191 -5.02 5.34 19.46
CA THR A 191 -6.41 5.83 19.36
C THR A 191 -7.33 4.77 18.79
N LEU A 192 -6.95 4.13 17.69
CA LEU A 192 -7.75 3.07 17.02
C LEU A 192 -8.00 1.92 18.02
N ILE A 193 -6.95 1.50 18.72
CA ILE A 193 -7.03 0.37 19.68
C ILE A 193 -8.01 0.75 20.79
N HIS A 194 -7.95 2.00 21.29
CA HIS A 194 -8.89 2.54 22.33
C HIS A 194 -10.32 2.42 21.83
N LEU A 195 -10.60 3.00 20.66
CA LEU A 195 -11.91 2.93 20.00
C LEU A 195 -12.40 1.48 19.97
N MET A 196 -11.51 0.57 19.57
CA MET A 196 -11.86 -0.86 19.42
C MET A 196 -12.15 -1.48 20.80
N ALA A 197 -11.34 -1.19 21.82
CA ALA A 197 -11.53 -1.70 23.21
C ALA A 197 -12.87 -1.19 23.74
N LYS A 198 -13.13 0.11 23.53
CA LYS A 198 -14.38 0.80 23.94
C LYS A 198 -15.58 0.07 23.34
N ALA A 199 -15.47 -0.41 22.09
CA ALA A 199 -16.57 -1.06 21.34
C ALA A 199 -16.76 -2.51 21.81
N GLY A 200 -15.91 -3.01 22.72
CA GLY A 200 -16.08 -4.34 23.33
C GLY A 200 -15.35 -5.46 22.58
N LEU A 201 -14.38 -5.14 21.72
CA LEU A 201 -13.52 -6.17 21.06
C LEU A 201 -12.52 -6.69 22.10
N THR A 202 -12.31 -8.01 22.14
CA THR A 202 -11.19 -8.68 22.86
C THR A 202 -9.86 -8.18 22.29
N LEU A 203 -8.79 -8.30 23.06
CA LEU A 203 -7.40 -7.90 22.68
C LEU A 203 -7.01 -8.53 21.35
N GLN A 204 -7.40 -9.78 21.10
CA GLN A 204 -7.15 -10.52 19.85
C GLN A 204 -7.90 -9.86 18.69
N GLN A 205 -9.16 -9.50 18.90
CA GLN A 205 -10.01 -8.90 17.85
C GLN A 205 -9.46 -7.52 17.50
N GLN A 206 -8.96 -6.81 18.50
CA GLN A 206 -8.39 -5.45 18.34
C GLN A 206 -7.19 -5.55 17.39
N HIS A 207 -6.22 -6.40 17.74
CA HIS A 207 -4.95 -6.54 16.98
CA HIS A 207 -4.95 -6.54 16.97
C HIS A 207 -5.31 -7.02 15.55
N GLN A 208 -6.27 -7.93 15.44
CA GLN A 208 -6.69 -8.45 14.11
C GLN A 208 -7.31 -7.30 13.28
N ARG A 209 -8.12 -6.43 13.89
CA ARG A 209 -8.89 -5.39 13.15
C ARG A 209 -7.93 -4.29 12.71
N LEU A 210 -7.00 -3.94 13.60
CA LEU A 210 -5.88 -2.99 13.33
C LEU A 210 -5.15 -3.46 12.08
N ALA A 211 -4.79 -4.74 12.01
CA ALA A 211 -4.01 -5.29 10.87
C ALA A 211 -4.89 -5.22 9.62
N GLN A 212 -6.17 -5.55 9.74
CA GLN A 212 -7.07 -5.61 8.56
C GLN A 212 -7.20 -4.20 7.95
N LEU A 213 -7.34 -3.16 8.79
CA LEU A 213 -7.51 -1.75 8.34
C LEU A 213 -6.20 -1.29 7.71
N LEU A 214 -5.08 -1.55 8.37
CA LEU A 214 -3.77 -1.09 7.82
C LEU A 214 -3.45 -1.82 6.53
N LEU A 215 -3.84 -3.09 6.37
CA LEU A 215 -3.54 -3.80 5.10
C LEU A 215 -4.37 -3.17 3.97
N ILE A 216 -5.57 -2.68 4.26
CA ILE A 216 -6.40 -1.93 3.25
C ILE A 216 -5.66 -0.65 2.81
N LEU A 217 -4.88 -0.01 3.67
CA LEU A 217 -4.09 1.19 3.22
C LEU A 217 -3.09 0.81 2.13
N SER A 218 -2.57 -0.43 2.11
CA SER A 218 -1.65 -0.83 1.02
C SER A 218 -2.43 -0.95 -0.30
N HIS A 219 -3.67 -1.44 -0.27
CA HIS A 219 -4.56 -1.46 -1.47
CA HIS A 219 -4.55 -1.46 -1.47
C HIS A 219 -4.87 -0.03 -1.90
N ILE A 220 -5.14 0.87 -0.94
CA ILE A 220 -5.46 2.29 -1.30
C ILE A 220 -4.21 2.92 -1.93
N ARG A 221 -3.02 2.64 -1.39
CA ARG A 221 -1.76 3.14 -2.01
C ARG A 221 -1.69 2.65 -3.46
N HIS A 222 -1.99 1.37 -3.67
CA HIS A 222 -1.99 0.69 -4.99
C HIS A 222 -2.94 1.42 -5.95
N MET A 223 -4.19 1.63 -5.55
CA MET A 223 -5.18 2.34 -6.40
C MET A 223 -4.69 3.74 -6.74
N SER A 224 -4.11 4.43 -5.77
CA SER A 224 -3.56 5.80 -6.00
C SER A 224 -2.46 5.77 -7.05
N ASN A 225 -1.53 4.80 -6.98
CA ASN A 225 -0.40 4.74 -7.93
C ASN A 225 -0.99 4.50 -9.33
N LYS A 226 -2.00 3.64 -9.45
CA LYS A 226 -2.61 3.37 -10.77
C LYS A 226 -3.40 4.61 -11.21
N GLY A 227 -4.20 5.19 -10.33
CA GLY A 227 -4.91 6.44 -10.62
C GLY A 227 -4.00 7.50 -11.18
N MET A 228 -2.84 7.72 -10.57
CA MET A 228 -1.86 8.76 -10.96
C MET A 228 -1.29 8.48 -12.36
N GLU A 229 -0.96 7.22 -12.65
CA GLU A 229 -0.50 6.81 -13.99
C GLU A 229 -1.52 7.32 -15.00
N HIS A 230 -2.79 6.98 -14.77
CA HIS A 230 -3.95 7.34 -15.62
C HIS A 230 -4.11 8.86 -15.73
N LEU A 231 -3.99 9.59 -14.63
CA LEU A 231 -4.12 11.08 -14.65
C LEU A 231 -3.01 11.65 -15.54
N TYR A 232 -1.83 11.04 -15.53
CA TYR A 232 -0.69 11.48 -16.36
C TYR A 232 -1.00 11.19 -17.85
N SER A 233 -1.59 10.05 -18.17
CA SER A 233 -2.01 9.71 -19.57
C SER A 233 -3.06 10.73 -20.01
N MET A 234 -4.07 10.96 -19.16
CA MET A 234 -5.12 11.98 -19.41
C MET A 234 -4.48 13.35 -19.68
N LYS A 235 -3.55 13.77 -18.84
CA LYS A 235 -2.75 15.02 -19.04
C LYS A 235 -2.27 15.12 -20.50
N CYS A 236 -1.47 14.17 -20.99
CA CYS A 236 -0.88 14.18 -22.36
C CYS A 236 -2.00 14.15 -23.41
N LYS A 237 -2.98 13.26 -23.27
CA LYS A 237 -4.19 13.19 -24.14
C LYS A 237 -4.80 14.59 -24.39
N ASN A 238 -4.68 15.53 -23.43
CA ASN A 238 -5.25 16.90 -23.50
C ASN A 238 -6.78 16.84 -23.60
N VAL A 239 -7.40 15.78 -23.06
CA VAL A 239 -8.87 15.58 -23.08
C VAL A 239 -9.53 16.74 -22.34
N VAL A 240 -9.09 17.03 -21.12
CA VAL A 240 -9.73 18.08 -20.26
C VAL A 240 -8.67 19.07 -19.77
N PRO A 241 -9.03 20.35 -19.66
CA PRO A 241 -8.27 21.29 -18.84
C PRO A 241 -8.07 20.77 -17.41
N LEU A 242 -6.82 20.84 -16.95
CA LEU A 242 -6.46 20.67 -15.52
C LEU A 242 -6.14 22.03 -14.91
N SER A 243 -6.58 22.24 -13.69
CA SER A 243 -6.20 23.40 -12.86
C SER A 243 -4.68 23.41 -12.70
N ASP A 244 -4.13 24.58 -12.38
CA ASP A 244 -2.68 24.75 -12.04
C ASP A 244 -2.38 23.84 -10.84
N LEU A 245 -3.30 23.76 -9.87
CA LEU A 245 -3.11 22.98 -8.61
C LEU A 245 -2.96 21.52 -9.03
N LEU A 246 -3.90 21.03 -9.83
CA LEU A 246 -3.88 19.62 -10.26
C LEU A 246 -2.59 19.33 -11.02
N LEU A 247 -2.16 20.25 -11.91
CA LEU A 247 -0.90 20.09 -12.69
C LEU A 247 0.30 20.05 -11.72
N GLU A 248 0.31 20.88 -10.68
CA GLU A 248 1.34 20.87 -9.61
C GLU A 248 1.40 19.48 -8.99
N MET A 249 0.25 18.97 -8.57
CA MET A 249 0.18 17.66 -7.89
C MET A 249 0.72 16.56 -8.82
N LEU A 250 0.48 16.65 -10.12
CA LEU A 250 0.91 15.65 -11.13
C LEU A 250 2.41 15.78 -11.40
N ASP A 251 2.94 16.98 -11.56
CA ASP A 251 4.40 17.24 -11.74
C ASP A 251 5.16 16.61 -10.56
N ALA A 252 4.62 16.73 -9.35
CA ALA A 252 5.23 16.20 -8.11
C ALA A 252 5.54 14.70 -8.27
N HIS A 253 4.66 13.94 -8.93
CA HIS A 253 4.78 12.47 -9.15
C HIS A 253 5.56 12.14 -10.42
N ARG A 254 5.96 13.13 -11.24
CA ARG A 254 6.60 12.97 -12.58
C ARG A 254 5.64 12.16 -13.48
N ALA B 1 3.98 27.32 -7.03
CA ALA B 1 3.85 26.68 -5.71
C ALA B 1 2.55 27.13 -5.04
N ILE B 2 1.41 26.73 -5.61
CA ILE B 2 0.06 27.06 -5.07
C ILE B 2 -0.07 26.45 -3.68
N LEU B 3 0.44 25.23 -3.52
CA LEU B 3 0.25 24.42 -2.30
C LEU B 3 1.01 25.11 -1.16
N HIS B 4 2.24 25.57 -1.38
CA HIS B 4 3.00 26.40 -0.42
C HIS B 4 2.12 27.56 0.04
N ARG B 5 1.51 28.28 -0.89
CA ARG B 5 0.77 29.52 -0.54
C ARG B 5 -0.52 29.16 0.23
N LEU B 6 -1.20 28.09 -0.18
CA LEU B 6 -2.45 27.62 0.48
C LEU B 6 -2.12 27.03 1.86
N LEU B 7 -0.95 26.42 2.03
CA LEU B 7 -0.64 25.75 3.32
C LEU B 7 -0.14 26.77 4.34
N GLN B 8 0.45 27.85 3.88
CA GLN B 8 0.97 28.90 4.78
C GLN B 8 -0.21 29.53 5.54
N GLY C 10 -11.47 -25.43 6.15
CA GLY C 10 -10.86 -26.66 6.74
C GLY C 10 -9.34 -26.66 6.66
N SER C 11 -8.71 -25.51 6.41
CA SER C 11 -7.25 -25.40 6.11
C SER C 11 -6.44 -25.73 7.36
N LEU C 12 -5.37 -26.50 7.24
CA LEU C 12 -4.46 -26.84 8.36
C LEU C 12 -3.72 -25.60 8.84
N ALA C 13 -3.57 -24.59 7.97
CA ALA C 13 -2.98 -23.29 8.35
C ALA C 13 -3.68 -22.77 9.63
N LEU C 14 -5.00 -22.93 9.72
CA LEU C 14 -5.85 -22.31 10.77
C LEU C 14 -5.71 -23.09 12.10
N SER C 15 -5.08 -24.26 12.08
CA SER C 15 -4.88 -25.11 13.28
C SER C 15 -3.49 -24.89 13.89
N LEU C 16 -2.55 -24.28 13.16
CA LEU C 16 -1.15 -24.09 13.61
C LEU C 16 -1.17 -23.20 14.85
N THR C 17 -0.26 -23.43 15.80
CA THR C 17 0.08 -22.47 16.87
C THR C 17 1.03 -21.39 16.30
N ALA C 18 1.19 -20.29 17.03
CA ALA C 18 2.15 -19.20 16.71
C ALA C 18 3.51 -19.79 16.34
N ASP C 19 4.03 -20.66 17.22
CA ASP C 19 5.35 -21.33 17.09
C ASP C 19 5.38 -22.21 15.83
N GLN C 20 4.28 -22.90 15.53
CA GLN C 20 4.20 -23.78 14.32
C GLN C 20 4.15 -22.91 13.06
N MET C 21 3.46 -21.77 13.11
CA MET C 21 3.38 -20.84 11.96
C MET C 21 4.80 -20.32 11.67
N VAL C 22 5.56 -19.95 12.70
CA VAL C 22 6.97 -19.42 12.55
C VAL C 22 7.82 -20.52 11.91
N SER C 23 7.87 -21.73 12.51
CA SER C 23 8.63 -22.92 11.97
C SER C 23 8.34 -23.13 10.49
N ALA C 24 7.06 -23.23 10.15
CA ALA C 24 6.62 -23.47 8.76
C ALA C 24 7.22 -22.37 7.87
N LEU C 25 7.23 -21.11 8.32
CA LEU C 25 7.65 -19.97 7.47
C LEU C 25 9.17 -19.92 7.41
N LEU C 26 9.83 -20.14 8.54
CA LEU C 26 11.31 -20.28 8.57
C LEU C 26 11.74 -21.42 7.66
N ASP C 27 11.06 -22.58 7.72
CA ASP C 27 11.50 -23.76 6.93
C ASP C 27 11.19 -23.52 5.45
N ALA C 28 10.20 -22.68 5.10
CA ALA C 28 9.83 -22.38 3.70
C ALA C 28 10.87 -21.48 3.00
N GLU C 29 11.73 -20.78 3.76
CA GLU C 29 12.66 -19.75 3.20
C GLU C 29 13.37 -20.30 1.97
N PRO C 30 13.42 -19.56 0.84
CA PRO C 30 14.12 -20.03 -0.34
C PRO C 30 15.62 -20.01 -0.10
N PRO C 31 16.42 -20.64 -0.97
CA PRO C 31 17.87 -20.60 -0.80
C PRO C 31 18.43 -19.18 -1.06
N ILE C 32 19.54 -18.85 -0.41
CA ILE C 32 20.38 -17.66 -0.74
C ILE C 32 20.99 -17.88 -2.14
N LEU C 33 20.76 -16.95 -3.05
CA LEU C 33 21.31 -17.01 -4.43
C LEU C 33 22.52 -16.08 -4.52
N TYR C 34 23.51 -16.52 -5.30
CA TYR C 34 24.67 -15.71 -5.72
C TYR C 34 24.35 -15.24 -7.13
N SER C 35 24.75 -14.03 -7.49
CA SER C 35 24.75 -13.56 -8.90
C SER C 35 25.69 -14.48 -9.69
N GLU C 36 25.24 -14.95 -10.87
CA GLU C 36 25.97 -15.90 -11.78
C GLU C 36 26.01 -15.32 -13.21
N TYR C 37 25.96 -13.99 -13.33
CA TYR C 37 26.07 -13.21 -14.59
C TYR C 37 27.41 -12.45 -14.53
N ASP C 38 28.17 -12.46 -15.63
CA ASP C 38 29.60 -12.07 -15.68
C ASP C 38 29.76 -10.56 -15.47
N PRO C 39 30.70 -10.11 -14.59
CA PRO C 39 31.08 -8.70 -14.52
C PRO C 39 32.13 -8.31 -15.58
N PRO C 42 31.87 -4.29 -19.87
CA PRO C 42 30.96 -3.17 -19.92
C PRO C 42 30.22 -3.05 -18.58
N PHE C 43 29.56 -1.91 -18.37
CA PHE C 43 28.84 -1.59 -17.12
C PHE C 43 27.79 -0.54 -17.43
N SER C 44 26.66 -0.99 -17.98
CA SER C 44 25.55 -0.11 -18.42
C SER C 44 24.35 -0.32 -17.49
N ALA C 46 22.45 -2.41 -20.53
CA ALA C 46 22.23 -3.84 -20.87
C ALA C 46 22.58 -4.74 -19.68
N SER C 47 23.76 -4.53 -19.08
CA SER C 47 24.46 -5.46 -18.16
C SER C 47 24.04 -5.23 -16.70
N MET C 48 23.70 -4.00 -16.32
CA MET C 48 23.07 -3.68 -15.02
C MET C 48 21.72 -4.41 -14.95
N MET C 49 20.79 -4.08 -15.85
CA MET C 49 19.51 -4.81 -16.02
C MET C 49 19.78 -6.31 -16.19
N GLY C 50 20.79 -6.70 -16.99
CA GLY C 50 21.22 -8.09 -17.17
C GLY C 50 21.44 -8.80 -15.85
N LEU C 51 22.34 -8.27 -15.03
CA LEU C 51 22.62 -8.67 -13.62
C LEU C 51 21.29 -8.92 -12.87
N LEU C 52 20.45 -7.89 -12.80
CA LEU C 52 19.23 -7.87 -11.95
C LEU C 52 18.16 -8.81 -12.51
N THR C 53 17.98 -8.80 -13.83
CA THR C 53 17.00 -9.65 -14.55
C THR C 53 17.37 -11.11 -14.35
N ASN C 54 18.64 -11.47 -14.57
CA ASN C 54 19.08 -12.88 -14.42
C ASN C 54 18.86 -13.26 -12.96
N LEU C 55 19.25 -12.41 -12.02
CA LEU C 55 19.11 -12.75 -10.59
C LEU C 55 17.61 -12.88 -10.25
N ALA C 56 16.79 -11.91 -10.67
CA ALA C 56 15.34 -11.83 -10.35
C ALA C 56 14.62 -13.07 -10.92
N ASP C 57 14.88 -13.40 -12.19
CA ASP C 57 14.30 -14.60 -12.82
C ASP C 57 14.56 -15.84 -11.97
N ARG C 58 15.78 -16.03 -11.48
CA ARG C 58 16.13 -17.23 -10.67
C ARG C 58 15.40 -17.15 -9.33
N GLU C 59 15.38 -15.98 -8.68
CA GLU C 59 14.70 -15.81 -7.37
C GLU C 59 13.21 -16.19 -7.50
N LEU C 60 12.61 -15.84 -8.63
CA LEU C 60 11.18 -16.06 -8.96
C LEU C 60 10.89 -17.56 -8.97
N VAL C 61 11.78 -18.34 -9.59
CA VAL C 61 11.66 -19.81 -9.64
C VAL C 61 11.63 -20.31 -8.19
N HIS C 62 12.56 -19.87 -7.33
CA HIS C 62 12.55 -20.32 -5.90
C HIS C 62 11.34 -19.72 -5.15
N MET C 63 10.82 -18.55 -5.57
CA MET C 63 9.67 -17.91 -4.86
C MET C 63 8.41 -18.77 -5.07
N ILE C 64 8.26 -19.36 -6.24
CA ILE C 64 7.12 -20.25 -6.59
C ILE C 64 7.10 -21.44 -5.65
N ASN C 65 8.26 -22.04 -5.34
CA ASN C 65 8.38 -23.19 -4.41
C ASN C 65 8.17 -22.72 -2.97
N TRP C 66 8.65 -21.51 -2.60
CA TRP C 66 8.41 -20.95 -1.25
C TRP C 66 6.90 -20.74 -1.06
N ALA C 67 6.21 -20.25 -2.09
CA ALA C 67 4.78 -19.88 -2.01
C ALA C 67 3.98 -21.14 -1.68
N LYS C 68 4.24 -22.26 -2.36
CA LYS C 68 3.58 -23.55 -2.05
C LYS C 68 3.73 -23.92 -0.58
N ARG C 69 4.74 -23.45 0.15
CA ARG C 69 4.98 -23.83 1.57
C ARG C 69 4.46 -22.77 2.54
N VAL C 70 3.94 -21.64 2.05
CA VAL C 70 3.35 -20.63 2.96
C VAL C 70 2.00 -21.19 3.40
N PRO C 71 1.79 -21.43 4.72
CA PRO C 71 0.52 -21.94 5.20
C PRO C 71 -0.65 -21.18 4.57
N GLY C 72 -1.55 -21.93 3.94
CA GLY C 72 -2.85 -21.44 3.44
C GLY C 72 -2.80 -21.26 1.95
N PHE C 73 -1.61 -21.12 1.37
CA PHE C 73 -1.42 -20.79 -0.06
C PHE C 73 -1.93 -21.93 -0.96
N VAL C 74 -1.61 -23.16 -0.56
CA VAL C 74 -1.85 -24.38 -1.39
C VAL C 74 -3.37 -24.69 -1.36
N ASP C 75 -4.11 -24.16 -0.41
CA ASP C 75 -5.58 -24.40 -0.29
C ASP C 75 -6.30 -23.64 -1.40
N LEU C 76 -5.66 -22.67 -2.06
CA LEU C 76 -6.27 -21.80 -3.11
C LEU C 76 -6.26 -22.53 -4.47
N THR C 77 -7.15 -22.13 -5.36
CA THR C 77 -7.17 -22.59 -6.77
C THR C 77 -5.84 -22.19 -7.40
N LEU C 78 -5.41 -22.94 -8.40
CA LEU C 78 -4.28 -22.57 -9.28
C LEU C 78 -4.45 -21.14 -9.79
N HIS C 79 -5.64 -20.75 -10.23
CA HIS C 79 -5.87 -19.41 -10.84
C HIS C 79 -5.57 -18.35 -9.78
N ASP C 80 -5.94 -18.58 -8.52
CA ASP C 80 -5.74 -17.63 -7.41
C ASP C 80 -4.24 -17.56 -7.02
N GLN C 81 -3.58 -18.71 -6.89
CA GLN C 81 -2.13 -18.77 -6.62
C GLN C 81 -1.37 -17.95 -7.67
N VAL C 82 -1.74 -18.10 -8.93
CA VAL C 82 -1.09 -17.36 -10.05
C VAL C 82 -1.36 -15.88 -9.86
N HIS C 83 -2.62 -15.49 -9.62
CA HIS C 83 -2.98 -14.06 -9.46
C HIS C 83 -2.18 -13.50 -8.29
N LEU C 84 -2.12 -14.21 -7.17
CA LEU C 84 -1.39 -13.71 -5.95
C LEU C 84 0.08 -13.42 -6.33
N LEU C 85 0.75 -14.37 -7.01
CA LEU C 85 2.20 -14.23 -7.30
C LEU C 85 2.45 -13.14 -8.35
N GLU C 86 1.56 -12.99 -9.34
CA GLU C 86 1.66 -11.90 -10.36
C GLU C 86 1.57 -10.53 -9.68
N CYS C 87 0.74 -10.41 -8.65
CA CYS C 87 0.53 -9.13 -7.93
C CYS C 87 1.70 -8.84 -6.99
N ALA C 88 2.19 -9.86 -6.27
CA ALA C 88 3.12 -9.69 -5.13
C ALA C 88 4.60 -9.92 -5.53
N TRP C 89 4.93 -10.45 -6.71
CA TRP C 89 6.31 -11.01 -6.87
C TRP C 89 7.37 -9.92 -6.63
N LEU C 90 7.19 -8.70 -7.16
CA LEU C 90 8.24 -7.65 -7.04
C LEU C 90 8.31 -7.14 -5.60
N GLU C 91 7.18 -7.00 -4.92
CA GLU C 91 7.12 -6.66 -3.47
C GLU C 91 7.91 -7.70 -2.67
N ILE C 92 7.78 -8.97 -3.04
CA ILE C 92 8.43 -10.09 -2.30
C ILE C 92 9.94 -10.00 -2.54
N LEU C 93 10.36 -9.69 -3.78
CA LEU C 93 11.80 -9.53 -4.09
C LEU C 93 12.32 -8.33 -3.30
N MET C 94 11.55 -7.23 -3.24
CA MET C 94 12.00 -5.99 -2.58
C MET C 94 12.07 -6.20 -1.05
N ILE C 95 11.08 -6.81 -0.42
CA ILE C 95 11.17 -7.01 1.07
C ILE C 95 12.37 -7.92 1.37
N GLY C 96 12.65 -8.91 0.53
CA GLY C 96 13.84 -9.77 0.69
C GLY C 96 15.12 -8.95 0.64
N LEU C 97 15.30 -8.16 -0.42
CA LEU C 97 16.45 -7.23 -0.59
C LEU C 97 16.60 -6.32 0.63
N VAL C 98 15.51 -5.74 1.14
CA VAL C 98 15.65 -4.74 2.23
C VAL C 98 16.04 -5.48 3.51
N TRP C 99 15.55 -6.70 3.68
CA TRP C 99 15.92 -7.57 4.82
C TRP C 99 17.43 -7.83 4.76
N ARG C 100 17.93 -8.33 3.64
CA ARG C 100 19.35 -8.70 3.47
C ARG C 100 20.25 -7.48 3.61
N SER C 101 19.75 -6.30 3.25
CA SER C 101 20.52 -5.03 3.15
C SER C 101 20.56 -4.29 4.49
N MET C 102 20.00 -4.85 5.55
CA MET C 102 19.89 -4.13 6.86
C MET C 102 21.28 -3.83 7.44
N GLU C 103 22.18 -4.81 7.45
CA GLU C 103 23.49 -4.69 8.15
C GLU C 103 24.50 -3.97 7.26
N HIS C 104 24.05 -3.34 6.18
CA HIS C 104 24.89 -2.75 5.11
C HIS C 104 24.38 -1.37 4.74
N PRO C 105 24.49 -0.39 5.66
CA PRO C 105 23.96 0.94 5.42
C PRO C 105 24.54 1.57 4.14
N GLY C 106 23.71 2.25 3.35
CA GLY C 106 24.13 2.89 2.09
C GLY C 106 24.24 1.90 0.96
N LYS C 107 23.94 0.61 1.19
CA LYS C 107 24.05 -0.38 0.09
C LYS C 107 22.85 -1.33 0.07
N LEU C 108 22.66 -1.90 -1.10
CA LEU C 108 21.63 -2.90 -1.40
C LEU C 108 22.32 -4.22 -1.72
N LEU C 109 22.12 -5.23 -0.85
CA LEU C 109 22.75 -6.56 -0.95
C LEU C 109 21.83 -7.45 -1.78
N PHE C 110 21.86 -7.24 -3.08
CA PHE C 110 21.11 -8.01 -4.10
C PHE C 110 21.46 -9.49 -3.97
N ALA C 111 22.71 -9.80 -3.64
CA ALA C 111 23.27 -11.17 -3.49
C ALA C 111 24.53 -11.05 -2.66
N PRO C 112 25.02 -12.11 -1.99
CA PRO C 112 26.27 -12.00 -1.22
C PRO C 112 27.42 -11.49 -2.09
N ASN C 113 27.41 -11.75 -3.40
CA ASN C 113 28.48 -11.30 -4.32
C ASN C 113 28.02 -10.12 -5.20
N LEU C 114 27.02 -9.35 -4.77
CA LEU C 114 26.49 -8.22 -5.58
C LEU C 114 25.91 -7.17 -4.63
N LEU C 115 26.79 -6.29 -4.14
CA LEU C 115 26.47 -5.18 -3.22
C LEU C 115 26.57 -3.87 -4.00
N LEU C 116 25.44 -3.21 -4.26
CA LEU C 116 25.39 -1.91 -4.98
C LEU C 116 25.04 -0.80 -3.98
N ASP C 117 25.52 0.42 -4.21
CA ASP C 117 24.99 1.64 -3.56
C ASP C 117 24.27 2.47 -4.62
N ARG C 118 23.59 3.54 -4.20
CA ARG C 118 22.63 4.33 -5.01
C ARG C 118 23.31 4.95 -6.24
N ASN C 119 24.62 5.19 -6.18
CA ASN C 119 25.43 5.73 -7.32
C ASN C 119 25.34 4.77 -8.51
N GLN C 120 25.27 3.45 -8.27
CA GLN C 120 25.21 2.41 -9.33
C GLN C 120 23.90 2.53 -10.11
N GLY C 121 22.80 2.89 -9.44
CA GLY C 121 21.47 3.06 -10.04
C GLY C 121 21.49 4.05 -11.20
N LYS C 122 22.40 5.05 -11.13
CA LYS C 122 22.54 6.15 -12.11
C LYS C 122 22.65 5.60 -13.54
N CYS C 123 23.29 4.43 -13.71
CA CYS C 123 23.51 3.72 -15.01
C CYS C 123 22.18 3.37 -15.70
N VAL C 124 21.03 3.63 -15.07
CA VAL C 124 19.65 3.38 -15.60
C VAL C 124 18.71 4.50 -15.11
N GLU C 125 17.66 4.82 -15.88
CA GLU C 125 16.77 5.98 -15.65
C GLU C 125 15.65 5.61 -14.66
N GLY C 126 15.52 6.41 -13.59
CA GLY C 126 14.48 6.26 -12.56
C GLY C 126 14.81 5.16 -11.55
N MET C 127 16.02 4.58 -11.62
CA MET C 127 16.42 3.44 -10.75
C MET C 127 16.97 3.99 -9.42
N VAL C 128 17.56 5.18 -9.43
CA VAL C 128 18.14 5.81 -8.20
C VAL C 128 17.02 6.19 -7.24
N GLU C 129 15.88 6.66 -7.73
CA GLU C 129 14.70 6.96 -6.89
C GLU C 129 14.24 5.67 -6.19
N ILE C 130 14.10 4.58 -6.93
CA ILE C 130 13.72 3.28 -6.32
C ILE C 130 14.78 2.87 -5.28
N PHE C 131 16.07 2.99 -5.59
CA PHE C 131 17.18 2.56 -4.69
C PHE C 131 17.12 3.37 -3.39
N ASP C 132 16.84 4.66 -3.49
CA ASP C 132 16.75 5.53 -2.29
C ASP C 132 15.59 5.02 -1.41
N MET C 133 14.44 4.72 -2.02
CA MET C 133 13.25 4.22 -1.26
C MET C 133 13.61 2.86 -0.65
N LEU C 134 14.28 1.98 -1.39
CA LEU C 134 14.69 0.65 -0.86
C LEU C 134 15.67 0.83 0.31
N LEU C 135 16.66 1.72 0.12
CA LEU C 135 17.68 2.01 1.17
C LEU C 135 17.01 2.58 2.41
N ALA C 136 16.11 3.54 2.25
CA ALA C 136 15.36 4.14 3.38
C ALA C 136 14.50 3.07 4.07
N THR C 137 13.93 2.14 3.31
CA THR C 137 13.15 1.02 3.90
C THR C 137 14.08 0.14 4.73
N SER C 138 15.26 -0.19 4.19
CA SER C 138 16.27 -1.03 4.88
C SER C 138 16.69 -0.36 6.20
N SER C 139 16.89 0.95 6.22
CA SER C 139 17.31 1.71 7.43
C SER C 139 16.21 1.67 8.49
N ARG C 140 14.96 1.83 8.08
CA ARG C 140 13.78 1.74 8.98
C ARG C 140 13.72 0.36 9.61
N PHE C 141 13.89 -0.72 8.84
CA PHE C 141 13.97 -2.09 9.43
C PHE C 141 15.12 -2.18 10.43
N ARG C 142 16.32 -1.69 10.07
CA ARG C 142 17.48 -1.71 11.00
C ARG C 142 17.12 -0.98 12.28
N MET C 143 16.71 0.29 12.16
CA MET C 143 16.29 1.12 13.32
C MET C 143 15.37 0.29 14.22
N MET C 144 14.36 -0.36 13.63
CA MET C 144 13.35 -1.18 14.35
C MET C 144 13.93 -2.51 14.85
N ASN C 145 15.12 -2.91 14.44
CA ASN C 145 15.71 -4.23 14.80
C ASN C 145 14.71 -5.33 14.38
N LEU C 146 14.28 -5.30 13.12
CA LEU C 146 13.34 -6.31 12.59
C LEU C 146 13.97 -7.69 12.76
N GLN C 147 13.26 -8.61 13.40
CA GLN C 147 13.70 -10.01 13.63
C GLN C 147 13.32 -10.86 12.40
N GLY C 148 14.13 -11.90 12.13
CA GLY C 148 13.89 -12.88 11.06
C GLY C 148 12.47 -13.43 11.10
N GLU C 149 11.93 -13.70 12.29
CA GLU C 149 10.59 -14.32 12.50
C GLU C 149 9.50 -13.34 12.06
N GLU C 150 9.70 -12.04 12.30
CA GLU C 150 8.79 -10.95 11.85
C GLU C 150 8.86 -10.85 10.33
N PHE C 151 10.06 -10.82 9.77
CA PHE C 151 10.30 -10.69 8.32
C PHE C 151 9.52 -11.78 7.57
N VAL C 152 9.55 -13.03 8.03
CA VAL C 152 8.85 -14.14 7.31
C VAL C 152 7.33 -13.94 7.39
N CYS C 153 6.81 -13.49 8.53
CA CYS C 153 5.37 -13.13 8.70
C CYS C 153 5.00 -12.03 7.69
N LEU C 154 5.81 -10.96 7.64
CA LEU C 154 5.56 -9.85 6.70
C LEU C 154 5.57 -10.35 5.26
N LYS C 155 6.54 -11.20 4.87
CA LYS C 155 6.65 -11.67 3.46
C LYS C 155 5.39 -12.45 3.06
N SER C 156 4.83 -13.23 3.99
CA SER C 156 3.63 -14.06 3.76
C SER C 156 2.39 -13.19 3.65
N ILE C 157 2.28 -12.17 4.48
CA ILE C 157 1.18 -11.15 4.38
C ILE C 157 1.20 -10.54 2.98
N ILE C 158 2.37 -10.21 2.45
CA ILE C 158 2.42 -9.56 1.11
C ILE C 158 1.84 -10.52 0.07
N LEU C 159 2.23 -11.80 0.11
CA LEU C 159 1.78 -12.83 -0.87
C LEU C 159 0.25 -12.99 -0.80
N LEU C 160 -0.29 -13.14 0.40
CA LEU C 160 -1.75 -13.34 0.59
C LEU C 160 -2.53 -12.04 0.40
N ASN C 161 -1.92 -10.88 0.70
CA ASN C 161 -2.68 -9.60 0.75
C ASN C 161 -2.76 -8.91 -0.62
N SER C 162 -1.67 -8.88 -1.38
CA SER C 162 -1.49 -7.82 -2.40
C SER C 162 -2.51 -7.99 -3.54
N GLY C 163 -2.96 -9.22 -3.80
CA GLY C 163 -3.87 -9.55 -4.90
C GLY C 163 -5.30 -9.81 -4.44
N VAL C 164 -5.58 -9.85 -3.13
CA VAL C 164 -6.89 -10.34 -2.57
C VAL C 164 -8.07 -9.51 -3.11
N TYR C 165 -7.91 -8.19 -3.30
CA TYR C 165 -9.01 -7.28 -3.71
C TYR C 165 -8.97 -7.08 -5.23
N THR C 166 -8.29 -7.95 -5.98
CA THR C 166 -8.29 -7.93 -7.48
C THR C 166 -8.48 -9.33 -8.07
N PHE C 167 -9.10 -10.26 -7.34
CA PHE C 167 -9.53 -11.58 -7.85
C PHE C 167 -10.56 -11.39 -8.98
N SER C 170 -15.11 -12.61 -9.90
CA SER C 170 -16.01 -12.65 -8.72
C SER C 170 -17.13 -13.69 -8.93
N THR C 171 -17.08 -14.79 -8.15
CA THR C 171 -18.03 -15.94 -8.16
C THR C 171 -18.30 -16.34 -6.71
N LEU C 172 -18.91 -17.51 -6.47
CA LEU C 172 -19.13 -18.06 -5.11
C LEU C 172 -17.81 -18.61 -4.55
N LYS C 173 -17.00 -19.25 -5.40
CA LYS C 173 -15.69 -19.86 -5.02
C LYS C 173 -14.73 -18.76 -4.52
N SER C 174 -14.57 -17.67 -5.28
CA SER C 174 -13.74 -16.48 -4.94
C SER C 174 -14.03 -15.97 -3.53
N LEU C 175 -15.31 -15.87 -3.14
CA LEU C 175 -15.73 -15.38 -1.79
C LEU C 175 -15.16 -16.33 -0.71
N GLU C 176 -15.28 -17.62 -0.96
CA GLU C 176 -14.62 -18.65 -0.10
C GLU C 176 -13.11 -18.39 -0.06
N GLU C 177 -12.48 -18.18 -1.22
CA GLU C 177 -11.01 -17.89 -1.37
C GLU C 177 -10.62 -16.66 -0.54
N LYS C 178 -11.25 -15.51 -0.78
CA LYS C 178 -11.03 -14.24 -0.02
C LYS C 178 -11.16 -14.51 1.47
N ASP C 179 -12.20 -15.24 1.88
CA ASP C 179 -12.47 -15.49 3.32
C ASP C 179 -11.36 -16.36 3.93
N HIS C 180 -10.89 -17.38 3.20
CA HIS C 180 -9.77 -18.25 3.64
C HIS C 180 -8.55 -17.35 3.88
N ILE C 181 -8.21 -16.53 2.90
CA ILE C 181 -7.05 -15.61 2.96
C ILE C 181 -7.14 -14.72 4.20
N HIS C 182 -8.30 -14.12 4.48
CA HIS C 182 -8.52 -13.21 5.63
C HIS C 182 -8.30 -13.99 6.94
N ARG C 183 -8.79 -15.22 7.04
CA ARG C 183 -8.57 -16.08 8.23
C ARG C 183 -7.06 -16.33 8.41
N VAL C 184 -6.34 -16.62 7.32
CA VAL C 184 -4.88 -16.91 7.43
C VAL C 184 -4.15 -15.62 7.84
N LEU C 185 -4.51 -14.48 7.24
CA LEU C 185 -3.89 -13.15 7.61
C LEU C 185 -4.08 -12.87 9.09
N ASP C 186 -5.26 -13.13 9.62
CA ASP C 186 -5.55 -12.95 11.06
C ASP C 186 -4.61 -13.83 11.88
N LYS C 187 -4.40 -15.07 11.43
CA LYS C 187 -3.45 -16.03 12.05
C LYS C 187 -2.03 -15.45 12.04
N ILE C 188 -1.61 -14.90 10.90
CA ILE C 188 -0.24 -14.32 10.84
C ILE C 188 -0.20 -13.12 11.79
N THR C 189 -1.29 -12.39 11.96
CA THR C 189 -1.36 -11.22 12.86
C THR C 189 -1.16 -11.71 14.31
N ASP C 190 -1.93 -12.73 14.70
CA ASP C 190 -1.80 -13.40 16.02
C ASP C 190 -0.34 -13.78 16.23
N THR C 191 0.31 -14.30 15.19
CA THR C 191 1.71 -14.80 15.28
C THR C 191 2.67 -13.64 15.54
N LEU C 192 2.50 -12.53 14.83
CA LEU C 192 3.40 -11.35 14.99
C LEU C 192 3.27 -10.85 16.43
N ILE C 193 2.04 -10.73 16.91
CA ILE C 193 1.75 -10.25 18.29
C ILE C 193 2.46 -11.22 19.27
N HIS C 194 2.20 -12.52 19.15
CA HIS C 194 2.85 -13.55 20.00
C HIS C 194 4.37 -13.29 20.07
N LEU C 195 5.05 -13.25 18.92
CA LEU C 195 6.52 -12.98 18.84
C LEU C 195 6.87 -11.76 19.70
N MET C 196 6.02 -10.73 19.64
CA MET C 196 6.36 -9.41 20.22
C MET C 196 6.25 -9.50 21.75
N ALA C 197 5.18 -10.14 22.24
CA ALA C 197 4.94 -10.40 23.67
C ALA C 197 6.05 -11.32 24.18
N LYS C 198 6.32 -12.42 23.47
CA LYS C 198 7.47 -13.33 23.74
C LYS C 198 8.73 -12.49 23.99
N ALA C 199 8.98 -11.44 23.21
CA ALA C 199 10.17 -10.57 23.33
C ALA C 199 10.02 -9.55 24.46
N GLY C 200 8.85 -9.49 25.12
CA GLY C 200 8.62 -8.70 26.34
C GLY C 200 8.16 -7.29 26.03
N LEU C 201 7.65 -7.03 24.82
CA LEU C 201 7.03 -5.72 24.51
C LEU C 201 5.72 -5.64 25.32
N THR C 202 5.39 -4.48 25.87
CA THR C 202 4.05 -4.26 26.48
C THR C 202 3.01 -4.36 25.36
N LEU C 203 1.74 -4.45 25.72
CA LEU C 203 0.61 -4.50 24.77
C LEU C 203 0.67 -3.28 23.86
N GLN C 204 0.96 -2.12 24.45
CA GLN C 204 1.00 -0.82 23.74
C GLN C 204 2.07 -0.90 22.67
N GLN C 205 3.24 -1.37 23.07
CA GLN C 205 4.42 -1.47 22.17
C GLN C 205 4.11 -2.48 21.06
N GLN C 206 3.35 -3.52 21.40
CA GLN C 206 3.00 -4.63 20.48
C GLN C 206 2.14 -4.05 19.36
N HIS C 207 1.07 -3.33 19.69
CA HIS C 207 0.11 -2.81 18.69
C HIS C 207 0.79 -1.67 17.90
N GLN C 208 1.67 -0.92 18.54
CA GLN C 208 2.45 0.14 17.86
C GLN C 208 3.43 -0.51 16.88
N ARG C 209 4.12 -1.59 17.27
CA ARG C 209 5.08 -2.27 16.37
C ARG C 209 4.32 -2.93 15.20
N LEU C 210 3.17 -3.54 15.47
CA LEU C 210 2.37 -4.20 14.41
C LEU C 210 2.01 -3.16 13.34
N ALA C 211 1.49 -2.02 13.78
CA ALA C 211 1.11 -0.89 12.90
C ALA C 211 2.34 -0.42 12.11
N GLN C 212 3.48 -0.17 12.77
CA GLN C 212 4.70 0.33 12.09
C GLN C 212 5.07 -0.65 10.96
N LEU C 213 5.12 -1.96 11.28
CA LEU C 213 5.46 -2.98 10.25
C LEU C 213 4.45 -2.92 9.10
N LEU C 214 3.15 -2.88 9.39
CA LEU C 214 2.11 -2.96 8.32
C LEU C 214 2.11 -1.67 7.48
N LEU C 215 2.40 -0.52 8.08
CA LEU C 215 2.55 0.75 7.32
C LEU C 215 3.73 0.66 6.35
N ILE C 216 4.82 -0.01 6.73
CA ILE C 216 5.96 -0.20 5.78
C ILE C 216 5.48 -0.97 4.56
N LEU C 217 4.58 -1.95 4.71
CA LEU C 217 4.05 -2.74 3.56
C LEU C 217 3.42 -1.80 2.53
N SER C 218 2.81 -0.68 2.95
CA SER C 218 2.22 0.25 1.96
C SER C 218 3.34 0.97 1.19
N HIS C 219 4.50 1.24 1.80
CA HIS C 219 5.71 1.74 1.10
C HIS C 219 6.27 0.66 0.15
N ILE C 220 6.28 -0.62 0.56
CA ILE C 220 6.77 -1.71 -0.35
C ILE C 220 5.85 -1.81 -1.56
N ARG C 221 4.54 -1.73 -1.36
CA ARG C 221 3.59 -1.73 -2.50
C ARG C 221 3.96 -0.58 -3.44
N HIS C 222 4.21 0.60 -2.88
CA HIS C 222 4.52 1.84 -3.64
C HIS C 222 5.81 1.62 -4.45
N MET C 223 6.86 1.08 -3.84
CA MET C 223 8.12 0.83 -4.59
C MET C 223 7.85 -0.19 -5.71
N SER C 224 7.05 -1.22 -5.44
CA SER C 224 6.67 -2.22 -6.48
C SER C 224 5.92 -1.56 -7.64
N ASN C 225 4.89 -0.76 -7.38
CA ASN C 225 4.15 -0.02 -8.45
C ASN C 225 5.13 0.81 -9.29
N LYS C 226 6.00 1.59 -8.65
CA LYS C 226 6.98 2.44 -9.37
C LYS C 226 7.93 1.55 -10.18
N GLY C 227 8.35 0.42 -9.61
CA GLY C 227 9.31 -0.51 -10.22
C GLY C 227 8.73 -1.20 -11.45
N MET C 228 7.47 -1.58 -11.38
CA MET C 228 6.77 -2.28 -12.48
C MET C 228 6.54 -1.33 -13.66
N GLU C 229 6.35 -0.03 -13.40
CA GLU C 229 6.21 1.03 -14.44
C GLU C 229 7.49 0.99 -15.30
N HIS C 230 8.63 1.17 -14.63
CA HIS C 230 9.97 1.17 -15.25
C HIS C 230 10.33 -0.21 -15.85
N LEU C 231 9.75 -1.31 -15.34
CA LEU C 231 10.01 -2.66 -15.93
C LEU C 231 9.22 -2.79 -17.23
N TYR C 232 8.01 -2.24 -17.26
CA TYR C 232 7.14 -2.30 -18.46
C TYR C 232 7.74 -1.43 -19.57
N SER C 233 8.15 -0.20 -19.25
CA SER C 233 8.76 0.74 -20.22
C SER C 233 10.12 0.18 -20.67
N MET C 234 10.81 -0.58 -19.81
CA MET C 234 12.14 -1.17 -20.11
C MET C 234 12.05 -2.02 -21.38
N LYS C 235 11.02 -2.88 -21.49
CA LYS C 235 10.72 -3.62 -22.75
C LYS C 235 10.57 -2.59 -23.89
N CYS C 236 9.78 -1.53 -23.65
CA CYS C 236 9.47 -0.45 -24.63
C CYS C 236 10.58 0.62 -24.62
N PRO C 241 16.83 -7.35 -22.56
CA PRO C 241 17.01 -8.82 -22.55
C PRO C 241 16.22 -9.54 -21.44
N LEU C 242 14.94 -9.87 -21.71
CA LEU C 242 13.96 -10.42 -20.72
C LEU C 242 13.58 -11.85 -21.09
N SER C 243 13.39 -12.71 -20.10
CA SER C 243 12.90 -14.11 -20.25
C SER C 243 11.38 -14.11 -20.54
N ASP C 244 10.83 -15.25 -20.95
CA ASP C 244 9.37 -15.45 -21.17
C ASP C 244 8.61 -15.36 -19.85
N LEU C 245 9.25 -15.78 -18.75
CA LEU C 245 8.71 -15.73 -17.37
C LEU C 245 8.46 -14.27 -16.98
N LEU C 246 9.48 -13.42 -17.14
CA LEU C 246 9.43 -11.97 -16.78
C LEU C 246 8.47 -11.25 -17.73
N LEU C 247 8.44 -11.64 -19.02
CA LEU C 247 7.51 -11.09 -20.06
C LEU C 247 6.07 -11.41 -19.67
N GLU C 248 5.83 -12.66 -19.26
CA GLU C 248 4.54 -13.14 -18.71
C GLU C 248 4.11 -12.27 -17.53
N MET C 249 5.00 -12.06 -16.57
CA MET C 249 4.73 -11.37 -15.28
C MET C 249 4.36 -9.90 -15.53
N LEU C 250 4.85 -9.31 -16.61
CA LEU C 250 4.55 -7.89 -16.99
C LEU C 250 3.17 -7.81 -17.64
N ASP C 251 2.67 -8.87 -18.27
CA ASP C 251 1.32 -8.90 -18.92
C ASP C 251 0.22 -8.72 -17.86
N ALA C 252 0.41 -9.25 -16.64
CA ALA C 252 -0.50 -9.04 -15.50
C ALA C 252 -0.61 -7.53 -15.23
N HIS C 253 0.50 -6.88 -14.82
CA HIS C 253 0.62 -5.41 -14.59
C HIS C 253 0.73 -4.67 -15.93
N ARG C 254 -0.34 -4.63 -16.74
CA ARG C 254 -0.34 -4.00 -18.09
C ARG C 254 -0.50 -2.49 -17.94
N ALA D 1 1.44 -19.37 -19.83
CA ALA D 1 1.08 -20.17 -18.63
C ALA D 1 2.34 -20.76 -17.98
N ILE D 2 3.50 -20.07 -18.09
CA ILE D 2 4.82 -20.44 -17.46
C ILE D 2 4.65 -20.49 -15.93
N LEU D 3 3.99 -19.47 -15.36
CA LEU D 3 3.72 -19.39 -13.90
C LEU D 3 2.78 -20.54 -13.52
N HIS D 4 1.70 -20.70 -14.28
CA HIS D 4 0.67 -21.77 -14.16
C HIS D 4 1.32 -23.16 -14.26
N ARG D 5 2.40 -23.30 -15.03
CA ARG D 5 3.16 -24.58 -15.17
C ARG D 5 3.95 -24.85 -13.88
N LEU D 6 4.76 -23.90 -13.43
CA LEU D 6 5.70 -24.09 -12.28
C LEU D 6 4.90 -24.22 -10.97
N LEU D 7 3.66 -23.72 -10.95
CA LEU D 7 2.69 -23.93 -9.84
C LEU D 7 1.97 -25.28 -9.99
N GLN D 8 1.61 -25.68 -11.21
CA GLN D 8 0.98 -27.01 -11.47
C GLN D 8 2.05 -28.10 -11.32
#